data_1AGL
# 
_entry.id   1AGL 
# 
_audit_conform.dict_name       mmcif_pdbx.dic 
_audit_conform.dict_version    5.389 
_audit_conform.dict_location   http://mmcif.pdb.org/dictionaries/ascii/mmcif_pdbx.dic 
# 
loop_
_database_2.database_id 
_database_2.database_code 
_database_2.pdbx_database_accession 
_database_2.pdbx_DOI 
PDB   1AGL         pdb_00001agl 10.2210/pdb1agl/pdb 
RCSB  DDF072       ?            ?                   
WWPDB D_1000170790 ?            ?                   
# 
loop_
_pdbx_audit_revision_history.ordinal 
_pdbx_audit_revision_history.data_content_type 
_pdbx_audit_revision_history.major_revision 
_pdbx_audit_revision_history.minor_revision 
_pdbx_audit_revision_history.revision_date 
1 'Structure model' 1 0 1997-04-29 
2 'Structure model' 1 1 2008-05-22 
3 'Structure model' 1 2 2011-07-13 
4 'Structure model' 1 3 2024-02-07 
5 'Structure model' 1 4 2024-04-03 
# 
_pdbx_audit_revision_details.ordinal             1 
_pdbx_audit_revision_details.revision_ordinal    1 
_pdbx_audit_revision_details.data_content_type   'Structure model' 
_pdbx_audit_revision_details.provider            repository 
_pdbx_audit_revision_details.type                'Initial release' 
_pdbx_audit_revision_details.description         ? 
_pdbx_audit_revision_details.details             ? 
# 
loop_
_pdbx_audit_revision_group.ordinal 
_pdbx_audit_revision_group.revision_ordinal 
_pdbx_audit_revision_group.data_content_type 
_pdbx_audit_revision_group.group 
1 2 'Structure model' 'Version format compliance' 
2 3 'Structure model' 'Version format compliance' 
3 4 'Structure model' Advisory                    
4 4 'Structure model' 'Data collection'           
5 4 'Structure model' 'Database references'       
6 4 'Structure model' 'Derived calculations'      
7 5 'Structure model' 'Refinement description'    
# 
loop_
_pdbx_audit_revision_category.ordinal 
_pdbx_audit_revision_category.revision_ordinal 
_pdbx_audit_revision_category.data_content_type 
_pdbx_audit_revision_category.category 
1 4 'Structure model' chem_comp_atom                
2 4 'Structure model' chem_comp_bond                
3 4 'Structure model' database_2                    
4 4 'Structure model' pdbx_unobs_or_zero_occ_atoms  
5 4 'Structure model' struct_conn                   
6 4 'Structure model' struct_site                   
7 5 'Structure model' pdbx_initial_refinement_model 
# 
loop_
_pdbx_audit_revision_item.ordinal 
_pdbx_audit_revision_item.revision_ordinal 
_pdbx_audit_revision_item.data_content_type 
_pdbx_audit_revision_item.item 
1 4 'Structure model' '_database_2.pdbx_DOI'                
2 4 'Structure model' '_database_2.pdbx_database_accession' 
3 4 'Structure model' '_struct_conn.pdbx_leaving_atom_flag' 
4 4 'Structure model' '_struct_site.pdbx_auth_asym_id'      
5 4 'Structure model' '_struct_site.pdbx_auth_comp_id'      
6 4 'Structure model' '_struct_site.pdbx_auth_seq_id'       
# 
_pdbx_database_status.status_code                     REL 
_pdbx_database_status.entry_id                        1AGL 
_pdbx_database_status.recvd_initial_deposition_date   1997-03-25 
_pdbx_database_status.deposit_site                    BNL 
_pdbx_database_status.process_site                    NDB 
_pdbx_database_status.SG_entry                        . 
_pdbx_database_status.pdb_format_compatible           Y 
_pdbx_database_status.status_code_mr                  ? 
_pdbx_database_status.status_code_sf                  ? 
_pdbx_database_status.status_code_cs                  ? 
_pdbx_database_status.status_code_nmr_data            ? 
_pdbx_database_status.methods_development_category    ? 
# 
loop_
_audit_author.name 
_audit_author.pdbx_ordinal 
'Hu, G.G.'       1 
'Shui, X.'       2 
'Leng, F.'       3 
'Priebe, W.'     4 
'Chaires, J.B.'  5 
'Williams, L.D.' 6 
# 
_citation.id                        primary 
_citation.title                     'Structure of a DNA-bisdaunomycin complex.' 
_citation.journal_abbrev            Biochemistry 
_citation.journal_volume            36 
_citation.page_first                5940 
_citation.page_last                 5946 
_citation.year                      1997 
_citation.journal_id_ASTM           BICHAW 
_citation.country                   US 
_citation.journal_id_ISSN           0006-2960 
_citation.journal_id_CSD            0033 
_citation.book_publisher            ? 
_citation.pdbx_database_id_PubMed   9166763 
_citation.pdbx_database_id_DOI      10.1021/bi9705218 
# 
loop_
_citation_author.citation_id 
_citation_author.name 
_citation_author.ordinal 
_citation_author.identifier_ORCID 
primary 'Hu, G.G.'       1 ? 
primary 'Shui, X.'       2 ? 
primary 'Leng, F.'       3 ? 
primary 'Priebe, W.'     4 ? 
primary 'Chaires, J.B.'  5 ? 
primary 'Williams, L.D.' 6 ? 
# 
loop_
_entity.id 
_entity.type 
_entity.src_method 
_entity.pdbx_description 
_entity.formula_weight 
_entity.pdbx_number_of_molecules 
_entity.pdbx_ec 
_entity.pdbx_mutation 
_entity.pdbx_fragment 
_entity.details 
1 polymer     syn 
;DNA (5'-D(*CP*GP*AP*TP*CP*G)-3')
;
1809.217 1 ? ? ? ? 
2 non-polymer syn '4-METHYLBENZYL-N-BIS[DAUNOMYCIN]' 1159.189 1 ? ? ? ? 
3 water       nat water                              18.015   8 ? ? ? ? 
# 
_entity_poly.entity_id                      1 
_entity_poly.type                           polydeoxyribonucleotide 
_entity_poly.nstd_linkage                   no 
_entity_poly.nstd_monomer                   no 
_entity_poly.pdbx_seq_one_letter_code       '(DC)(DG)(DA)(DT)(DC)(DG)' 
_entity_poly.pdbx_seq_one_letter_code_can   CGATCG 
_entity_poly.pdbx_strand_id                 A 
_entity_poly.pdbx_target_identifier         ? 
# 
loop_
_pdbx_entity_nonpoly.entity_id 
_pdbx_entity_nonpoly.name 
_pdbx_entity_nonpoly.comp_id 
2 '4-METHYLBENZYL-N-BIS[DAUNOMYCIN]' BDA 
3 water                              HOH 
# 
loop_
_entity_poly_seq.entity_id 
_entity_poly_seq.num 
_entity_poly_seq.mon_id 
_entity_poly_seq.hetero 
1 1 DC n 
1 2 DG n 
1 3 DA n 
1 4 DT n 
1 5 DC n 
1 6 DG n 
# 
loop_
_chem_comp.id 
_chem_comp.type 
_chem_comp.mon_nstd_flag 
_chem_comp.name 
_chem_comp.pdbx_synonyms 
_chem_comp.formula 
_chem_comp.formula_weight 
BDA non-polymer   . '4-METHYLBENZYL-N-BIS[DAUNOMYCIN]'   WP631 'C62 H66 N2 O20 2' 1159.189 
DA  'DNA linking' y "2'-DEOXYADENOSINE-5'-MONOPHOSPHATE" ?     'C10 H14 N5 O6 P'  331.222  
DC  'DNA linking' y "2'-DEOXYCYTIDINE-5'-MONOPHOSPHATE"  ?     'C9 H14 N3 O7 P'   307.197  
DG  'DNA linking' y "2'-DEOXYGUANOSINE-5'-MONOPHOSPHATE" ?     'C10 H14 N5 O7 P'  347.221  
DT  'DNA linking' y "THYMIDINE-5'-MONOPHOSPHATE"         ?     'C10 H15 N2 O8 P'  322.208  
HOH non-polymer   . WATER                                ?     'H2 O'             18.015   
# 
loop_
_pdbx_poly_seq_scheme.asym_id 
_pdbx_poly_seq_scheme.entity_id 
_pdbx_poly_seq_scheme.seq_id 
_pdbx_poly_seq_scheme.mon_id 
_pdbx_poly_seq_scheme.ndb_seq_num 
_pdbx_poly_seq_scheme.pdb_seq_num 
_pdbx_poly_seq_scheme.auth_seq_num 
_pdbx_poly_seq_scheme.pdb_mon_id 
_pdbx_poly_seq_scheme.auth_mon_id 
_pdbx_poly_seq_scheme.pdb_strand_id 
_pdbx_poly_seq_scheme.pdb_ins_code 
_pdbx_poly_seq_scheme.hetero 
A 1 1 DC 1 1 1 DC C A . n 
A 1 2 DG 2 2 2 DG G A . n 
A 1 3 DA 3 3 3 DA A A . n 
A 1 4 DT 4 4 4 DT T A . n 
A 1 5 DC 5 5 5 DC C A . n 
A 1 6 DG 6 6 6 DG G A . n 
# 
loop_
_pdbx_nonpoly_scheme.asym_id 
_pdbx_nonpoly_scheme.entity_id 
_pdbx_nonpoly_scheme.mon_id 
_pdbx_nonpoly_scheme.ndb_seq_num 
_pdbx_nonpoly_scheme.pdb_seq_num 
_pdbx_nonpoly_scheme.auth_seq_num 
_pdbx_nonpoly_scheme.pdb_mon_id 
_pdbx_nonpoly_scheme.auth_mon_id 
_pdbx_nonpoly_scheme.pdb_strand_id 
_pdbx_nonpoly_scheme.pdb_ins_code 
B 2 BDA 1 7  7  BDA BDA A . 
C 3 HOH 1 8  8  HOH HOH A . 
C 3 HOH 2 9  9  HOH HOH A . 
C 3 HOH 3 10 10 HOH HOH A . 
C 3 HOH 4 11 11 HOH HOH A . 
C 3 HOH 5 12 12 HOH HOH A . 
C 3 HOH 6 13 13 HOH HOH A . 
C 3 HOH 7 14 14 HOH HOH A . 
C 3 HOH 8 15 15 HOH HOH A . 
# 
loop_
_software.name 
_software.classification 
_software.version 
_software.citation_id 
_software.pdbx_ordinal 
X-PLOR refinement        . ? 1 
ADSC   'data collection' . ? 2 
# 
_cell.entry_id           1AGL 
_cell.length_a           28.270 
_cell.length_b           28.270 
_cell.length_c           53.770 
_cell.angle_alpha        90.00 
_cell.angle_beta         90.00 
_cell.angle_gamma        90.00 
_cell.Z_PDB              8 
_cell.pdbx_unique_axis   ? 
# 
_symmetry.entry_id                         1AGL 
_symmetry.space_group_name_H-M             'P 41 21 2' 
_symmetry.pdbx_full_space_group_name_H-M   ? 
_symmetry.cell_setting                     ? 
_symmetry.Int_Tables_number                92 
# 
_exptl.entry_id          1AGL 
_exptl.method            'X-RAY DIFFRACTION' 
_exptl.crystals_number   1 
# 
_exptl_crystal.id                    1 
_exptl_crystal.density_meas          ? 
_exptl_crystal.density_percent_sol   56.74 
_exptl_crystal.density_Matthews      2.84 
_exptl_crystal.description           ? 
# 
_exptl_crystal_grow.crystal_id      1 
_exptl_crystal_grow.method          'VAPOR DIFFUSION, SITTING DROP' 
_exptl_crystal_grow.temp            ? 
_exptl_crystal_grow.temp_details    'ROOM TEMPERATURE' 
_exptl_crystal_grow.pH              6.50 
_exptl_crystal_grow.pdbx_details    'pH 6.50, VAPOR DIFFUSION, SITTING DROP' 
_exptl_crystal_grow.pdbx_pH_range   ? 
# 
loop_
_exptl_crystal_grow_comp.crystal_id 
_exptl_crystal_grow_comp.id 
_exptl_crystal_grow_comp.sol_id 
_exptl_crystal_grow_comp.name 
_exptl_crystal_grow_comp.volume 
_exptl_crystal_grow_comp.conc 
_exptl_crystal_grow_comp.details 
1 1 1 WATER           ? ? ? 
1 2 1 MPD             ? ? ? 
1 3 1 'NA CACODYLATE' ? ? ? 
1 4 1 MGCL2           ? ? ? 
1 5 1 SPERMINE_HCL    ? ? ? 
1 6 2 WATER           ? ? ? 
1 7 2 MPD             ? ? ? 
# 
_diffrn.id                     1 
_diffrn.ambient_temp           294.00 
_diffrn.ambient_temp_details   ? 
_diffrn.crystal_id             1 
# 
_diffrn_detector.diffrn_id              1 
_diffrn_detector.detector               'AREA DETECTOR' 
_diffrn_detector.type                   SDMS 
_diffrn_detector.pdbx_collection_date   1996-05-01 
_diffrn_detector.details                ? 
# 
_diffrn_radiation.diffrn_id                        1 
_diffrn_radiation.wavelength_id                    1 
_diffrn_radiation.pdbx_monochromatic_or_laue_m_l   M 
_diffrn_radiation.monochromator                    GRAPHITE 
_diffrn_radiation.pdbx_diffrn_protocol             'SINGLE WAVELENGTH' 
_diffrn_radiation.pdbx_scattering_type             x-ray 
# 
_diffrn_radiation_wavelength.id           1 
_diffrn_radiation_wavelength.wavelength   . 
_diffrn_radiation_wavelength.wt           1.0 
# 
_diffrn_source.diffrn_id                   1 
_diffrn_source.source                      'ROTATING ANODE' 
_diffrn_source.type                        'RIGAKU RU200' 
_diffrn_source.pdbx_synchrotron_site       ? 
_diffrn_source.pdbx_synchrotron_beamline   ? 
_diffrn_source.pdbx_wavelength             ? 
_diffrn_source.pdbx_wavelength_list        ? 
# 
_reflns.entry_id                     1AGL 
_reflns.observed_criterion_sigma_I   0.000 
_reflns.observed_criterion_sigma_F   ? 
_reflns.d_resolution_low             12.000 
_reflns.d_resolution_high            1.800 
_reflns.number_obs                   2058 
_reflns.number_all                   11192 
_reflns.percent_possible_obs         93.000 
_reflns.pdbx_Rmerge_I_obs            0.0700000 
_reflns.pdbx_Rsym_value              ? 
_reflns.pdbx_netI_over_sigmaI        5.5000 
_reflns.B_iso_Wilson_estimate        ? 
_reflns.pdbx_redundancy              6.760 
_reflns.R_free_details               ? 
_reflns.pdbx_diffrn_id               1 
_reflns.pdbx_ordinal                 1 
# 
_refine.entry_id                                 1AGL 
_refine.ls_number_reflns_obs                     1061 
_refine.ls_number_reflns_all                     ? 
_refine.pdbx_ls_sigma_I                          ? 
_refine.pdbx_ls_sigma_F                          3.000 
_refine.pdbx_data_cutoff_high_absF               ? 
_refine.pdbx_data_cutoff_low_absF                ? 
_refine.pdbx_data_cutoff_high_rms_absF           ? 
_refine.ls_d_res_low                             10.000 
_refine.ls_d_res_high                            2.200 
_refine.ls_percent_reflns_obs                    97.400 
_refine.ls_R_factor_obs                          0.1990000 
_refine.ls_R_factor_all                          ? 
_refine.ls_R_factor_R_work                       0.1990000 
_refine.ls_R_factor_R_free                       0.3140000 
_refine.ls_R_factor_R_free_error                 ? 
_refine.ls_R_factor_R_free_error_details         ? 
_refine.ls_percent_reflns_R_free                 10.000 
_refine.ls_number_reflns_R_free                  ? 
_refine.ls_number_parameters                     ? 
_refine.ls_number_restraints                     ? 
_refine.occupancy_min                            ? 
_refine.occupancy_max                            ? 
_refine.B_iso_mean                               ? 
_refine.aniso_B[1][1]                            ? 
_refine.aniso_B[2][2]                            ? 
_refine.aniso_B[3][3]                            ? 
_refine.aniso_B[1][2]                            ? 
_refine.aniso_B[1][3]                            ? 
_refine.aniso_B[2][3]                            ? 
_refine.solvent_model_details                    ? 
_refine.solvent_model_param_ksol                 ? 
_refine.solvent_model_param_bsol                 ? 
_refine.pdbx_ls_cross_valid_method               ? 
_refine.details                                  ? 
_refine.pdbx_starting_model                      DDF045 
_refine.pdbx_method_to_determine_struct          'MOLECULAR REPLACEMENT' 
_refine.pdbx_isotropic_thermal_model             ? 
_refine.pdbx_stereochemistry_target_values       ? 
_refine.pdbx_stereochem_target_val_spec_case     ? 
_refine.pdbx_R_Free_selection_details            RANDOM 
_refine.pdbx_overall_ESU_R                       ? 
_refine.pdbx_overall_ESU_R_Free                  ? 
_refine.overall_SU_ML                            ? 
_refine.overall_SU_B                             ? 
_refine.ls_redundancy_reflns_obs                 ? 
_refine.correlation_coeff_Fo_to_Fc               ? 
_refine.correlation_coeff_Fo_to_Fc_free          ? 
_refine.overall_SU_R_Cruickshank_DPI             ? 
_refine.overall_SU_R_free                        ? 
_refine.pdbx_refine_id                           'X-RAY DIFFRACTION' 
_refine.pdbx_diffrn_id                           1 
_refine.pdbx_TLS_residual_ADP_flag               ? 
_refine.pdbx_solvent_vdw_probe_radii             ? 
_refine.pdbx_solvent_ion_probe_radii             ? 
_refine.pdbx_solvent_shrinkage_radii             ? 
_refine.pdbx_overall_phase_error                 ? 
_refine.pdbx_overall_SU_R_free_Cruickshank_DPI   ? 
_refine.pdbx_overall_SU_R_Blow_DPI               ? 
_refine.pdbx_overall_SU_R_free_Blow_DPI          ? 
# 
_refine_hist.pdbx_refine_id                   'X-RAY DIFFRACTION' 
_refine_hist.cycle_id                         LAST 
_refine_hist.pdbx_number_atoms_protein        0 
_refine_hist.pdbx_number_atoms_nucleic_acid   120 
_refine_hist.pdbx_number_atoms_ligand         42 
_refine_hist.number_atoms_solvent             8 
_refine_hist.number_atoms_total               170 
_refine_hist.d_res_high                       2.200 
_refine_hist.d_res_low                        10.000 
# 
loop_
_refine_ls_restr.type 
_refine_ls_restr.dev_ideal 
_refine_ls_restr.dev_ideal_target 
_refine_ls_restr.weight 
_refine_ls_restr.number 
_refine_ls_restr.pdbx_refine_id 
_refine_ls_restr.pdbx_restraint_function 
x_bond_d                0.014 ? ? ? 'X-RAY DIFFRACTION' ? 
x_bond_d_na             ?     ? ? ? 'X-RAY DIFFRACTION' ? 
x_bond_d_prot           ?     ? ? ? 'X-RAY DIFFRACTION' ? 
x_angle_d               ?     ? ? ? 'X-RAY DIFFRACTION' ? 
x_angle_d_na            ?     ? ? ? 'X-RAY DIFFRACTION' ? 
x_angle_d_prot          ?     ? ? ? 'X-RAY DIFFRACTION' ? 
x_angle_deg             3.10  ? ? ? 'X-RAY DIFFRACTION' ? 
x_angle_deg_na          ?     ? ? ? 'X-RAY DIFFRACTION' ? 
x_angle_deg_prot        ?     ? ? ? 'X-RAY DIFFRACTION' ? 
x_dihedral_angle_d      ?     ? ? ? 'X-RAY DIFFRACTION' ? 
x_dihedral_angle_d_na   ?     ? ? ? 'X-RAY DIFFRACTION' ? 
x_dihedral_angle_d_prot ?     ? ? ? 'X-RAY DIFFRACTION' ? 
x_improper_angle_d      ?     ? ? ? 'X-RAY DIFFRACTION' ? 
x_improper_angle_d_na   ?     ? ? ? 'X-RAY DIFFRACTION' ? 
x_improper_angle_d_prot ?     ? ? ? 'X-RAY DIFFRACTION' ? 
x_mcbond_it             ?     ? ? ? 'X-RAY DIFFRACTION' ? 
x_mcangle_it            ?     ? ? ? 'X-RAY DIFFRACTION' ? 
x_scbond_it             ?     ? ? ? 'X-RAY DIFFRACTION' ? 
x_scangle_it            ?     ? ? ? 'X-RAY DIFFRACTION' ? 
# 
_refine_ls_shell.pdbx_total_number_of_bins_used   ? 
_refine_ls_shell.d_res_high                       2.20 
_refine_ls_shell.d_res_low                        2.30 
_refine_ls_shell.number_reflns_R_work             111 
_refine_ls_shell.R_factor_R_work                  0.2850000 
_refine_ls_shell.percent_reflns_obs               82.80 
_refine_ls_shell.R_factor_R_free                  ? 
_refine_ls_shell.R_factor_R_free_error            ? 
_refine_ls_shell.percent_reflns_R_free            ? 
_refine_ls_shell.number_reflns_R_free             ? 
_refine_ls_shell.redundancy_reflns_obs            ? 
_refine_ls_shell.pdbx_refine_id                   'X-RAY DIFFRACTION' 
_refine_ls_shell.number_reflns_all                ? 
_refine_ls_shell.R_factor_all                     ? 
# 
_pdbx_xplor_file.serial_no        1 
_pdbx_xplor_file.param_file       PARDNA.PRO 
_pdbx_xplor_file.topol_file       TOPDNA.PRO 
_pdbx_xplor_file.pdbx_refine_id   'X-RAY DIFFRACTION' 
# 
_struct.entry_id                  1AGL 
_struct.title                     'STRUCTURE OF A DNA-BISDAUNOMYCIN COMPLEX' 
_struct.pdbx_model_details        ? 
_struct.pdbx_CASP_flag            ? 
_struct.pdbx_model_type_details   ? 
# 
_struct_keywords.entry_id        1AGL 
_struct_keywords.pdbx_keywords   DNA 
_struct_keywords.text            'RIGHT HANDED DNA, DOUBLE HELIX, COMPLEXED WITH DRUG, DNA' 
# 
loop_
_struct_asym.id 
_struct_asym.pdbx_blank_PDB_chainid_flag 
_struct_asym.pdbx_modified 
_struct_asym.entity_id 
_struct_asym.details 
A N N 1 ? 
B N N 2 ? 
C N N 3 ? 
# 
_struct_ref.id                         1 
_struct_ref.entity_id                  1 
_struct_ref.db_name                    PDB 
_struct_ref.db_code                    1AGL 
_struct_ref.pdbx_db_accession          1AGL 
_struct_ref.pdbx_db_isoform            ? 
_struct_ref.pdbx_seq_one_letter_code   ? 
_struct_ref.pdbx_align_begin           ? 
# 
_struct_ref_seq.align_id                      1 
_struct_ref_seq.ref_id                        1 
_struct_ref_seq.pdbx_PDB_id_code              1AGL 
_struct_ref_seq.pdbx_strand_id                A 
_struct_ref_seq.seq_align_beg                 1 
_struct_ref_seq.pdbx_seq_align_beg_ins_code   ? 
_struct_ref_seq.seq_align_end                 6 
_struct_ref_seq.pdbx_seq_align_end_ins_code   ? 
_struct_ref_seq.pdbx_db_accession             1AGL 
_struct_ref_seq.db_align_beg                  1 
_struct_ref_seq.pdbx_db_align_beg_ins_code    ? 
_struct_ref_seq.db_align_end                  6 
_struct_ref_seq.pdbx_db_align_end_ins_code    ? 
_struct_ref_seq.pdbx_auth_seq_align_beg       1 
_struct_ref_seq.pdbx_auth_seq_align_end       6 
# 
_pdbx_struct_assembly.id                   1 
_pdbx_struct_assembly.details              author_defined_assembly 
_pdbx_struct_assembly.method_details       ? 
_pdbx_struct_assembly.oligomeric_details   dimeric 
_pdbx_struct_assembly.oligomeric_count     2 
# 
_pdbx_struct_assembly_gen.assembly_id       1 
_pdbx_struct_assembly_gen.oper_expression   1,2 
_pdbx_struct_assembly_gen.asym_id_list      A,B,C 
# 
loop_
_pdbx_struct_oper_list.id 
_pdbx_struct_oper_list.type 
_pdbx_struct_oper_list.name 
_pdbx_struct_oper_list.symmetry_operation 
_pdbx_struct_oper_list.matrix[1][1] 
_pdbx_struct_oper_list.matrix[1][2] 
_pdbx_struct_oper_list.matrix[1][3] 
_pdbx_struct_oper_list.vector[1] 
_pdbx_struct_oper_list.matrix[2][1] 
_pdbx_struct_oper_list.matrix[2][2] 
_pdbx_struct_oper_list.matrix[2][3] 
_pdbx_struct_oper_list.vector[2] 
_pdbx_struct_oper_list.matrix[3][1] 
_pdbx_struct_oper_list.matrix[3][2] 
_pdbx_struct_oper_list.matrix[3][3] 
_pdbx_struct_oper_list.vector[3] 
1 'identity operation'         1_555 x,y,z            1.0000000000  0.0000000000  0.0000000000  0.0000000000  0.0000000000  1.0000000000 0.0000000000 0.0000000000  0.0000000000  0.0000000000 1.0000000000  0.0000000000  
2 'crystal symmetry operation' 8_665 -y+1,-x+1,-z+1/2 -0.4827677833 -0.8443540584 -0.2323822098 -4.0615048791 -0.8443540584 0.3783630504 0.3793515864 -1.3786386137 -0.2323822098 0.3793515864 -0.8955952671 -4.0307821495 
# 
_struct_biol.id                    1 
_struct_biol.pdbx_parent_biol_id   ? 
_struct_biol.details               ? 
# 
loop_
_struct_conn.id 
_struct_conn.conn_type_id 
_struct_conn.pdbx_leaving_atom_flag 
_struct_conn.pdbx_PDB_id 
_struct_conn.ptnr1_label_asym_id 
_struct_conn.ptnr1_label_comp_id 
_struct_conn.ptnr1_label_seq_id 
_struct_conn.ptnr1_label_atom_id 
_struct_conn.pdbx_ptnr1_label_alt_id 
_struct_conn.pdbx_ptnr1_PDB_ins_code 
_struct_conn.pdbx_ptnr1_standard_comp_id 
_struct_conn.ptnr1_symmetry 
_struct_conn.ptnr2_label_asym_id 
_struct_conn.ptnr2_label_comp_id 
_struct_conn.ptnr2_label_seq_id 
_struct_conn.ptnr2_label_atom_id 
_struct_conn.pdbx_ptnr2_label_alt_id 
_struct_conn.pdbx_ptnr2_PDB_ins_code 
_struct_conn.ptnr1_auth_asym_id 
_struct_conn.ptnr1_auth_comp_id 
_struct_conn.ptnr1_auth_seq_id 
_struct_conn.ptnr2_auth_asym_id 
_struct_conn.ptnr2_auth_comp_id 
_struct_conn.ptnr2_auth_seq_id 
_struct_conn.ptnr2_symmetry 
_struct_conn.pdbx_ptnr3_label_atom_id 
_struct_conn.pdbx_ptnr3_label_seq_id 
_struct_conn.pdbx_ptnr3_label_comp_id 
_struct_conn.pdbx_ptnr3_label_asym_id 
_struct_conn.pdbx_ptnr3_label_alt_id 
_struct_conn.pdbx_ptnr3_PDB_ins_code 
_struct_conn.details 
_struct_conn.pdbx_dist_value 
_struct_conn.pdbx_value_order 
_struct_conn.pdbx_role 
covale1  covale none ? B BDA . C9A ? ? ? 1_555 B BDA . C9A ? ? A BDA 7 A BDA 7 8_665 ? ? ? ? ? ? ?            1.355 ? ? 
covale2  covale none ? B BDA . C9B ? ? ? 1_555 B BDA . C9B ? ? A BDA 7 A BDA 7 8_665 ? ? ? ? ? ? ?            1.360 ? ? 
hydrog1  hydrog ?    ? A DC  1 N3  ? ? ? 1_555 A DG  6 N1  ? ? A DC  1 A DG  6 8_665 ? ? ? ? ? ? WATSON-CRICK ?     ? ? 
hydrog2  hydrog ?    ? A DC  1 N4  ? ? ? 1_555 A DG  6 O6  ? ? A DC  1 A DG  6 8_665 ? ? ? ? ? ? WATSON-CRICK ?     ? ? 
hydrog3  hydrog ?    ? A DC  1 O2  ? ? ? 1_555 A DG  6 N2  ? ? A DC  1 A DG  6 8_665 ? ? ? ? ? ? WATSON-CRICK ?     ? ? 
hydrog4  hydrog ?    ? A DG  2 N1  ? ? ? 1_555 A DC  5 N3  ? ? A DG  2 A DC  5 8_665 ? ? ? ? ? ? WATSON-CRICK ?     ? ? 
hydrog5  hydrog ?    ? A DG  2 N2  ? ? ? 1_555 A DC  5 O2  ? ? A DG  2 A DC  5 8_665 ? ? ? ? ? ? WATSON-CRICK ?     ? ? 
hydrog6  hydrog ?    ? A DG  2 O6  ? ? ? 1_555 A DC  5 N4  ? ? A DG  2 A DC  5 8_665 ? ? ? ? ? ? WATSON-CRICK ?     ? ? 
hydrog7  hydrog ?    ? A DA  3 N1  ? ? ? 1_555 A DT  4 N3  ? ? A DA  3 A DT  4 8_665 ? ? ? ? ? ? WATSON-CRICK ?     ? ? 
hydrog8  hydrog ?    ? A DA  3 N6  ? ? ? 1_555 A DT  4 O4  ? ? A DA  3 A DT  4 8_665 ? ? ? ? ? ? WATSON-CRICK ?     ? ? 
hydrog9  hydrog ?    ? A DT  4 N3  ? ? ? 1_555 A DA  3 N1  ? ? A DT  4 A DA  3 8_665 ? ? ? ? ? ? WATSON-CRICK ?     ? ? 
hydrog10 hydrog ?    ? A DT  4 O4  ? ? ? 1_555 A DA  3 N6  ? ? A DT  4 A DA  3 8_665 ? ? ? ? ? ? WATSON-CRICK ?     ? ? 
hydrog11 hydrog ?    ? A DC  5 N3  ? ? ? 1_555 A DG  2 N1  ? ? A DC  5 A DG  2 8_665 ? ? ? ? ? ? WATSON-CRICK ?     ? ? 
hydrog12 hydrog ?    ? A DC  5 N4  ? ? ? 1_555 A DG  2 O6  ? ? A DC  5 A DG  2 8_665 ? ? ? ? ? ? WATSON-CRICK ?     ? ? 
hydrog13 hydrog ?    ? A DC  5 O2  ? ? ? 1_555 A DG  2 N2  ? ? A DC  5 A DG  2 8_665 ? ? ? ? ? ? WATSON-CRICK ?     ? ? 
hydrog14 hydrog ?    ? A DG  6 N1  ? ? ? 1_555 A DC  1 N3  ? ? A DG  6 A DC  1 8_665 ? ? ? ? ? ? WATSON-CRICK ?     ? ? 
hydrog15 hydrog ?    ? A DG  6 N2  ? ? ? 1_555 A DC  1 O2  ? ? A DG  6 A DC  1 8_665 ? ? ? ? ? ? WATSON-CRICK ?     ? ? 
hydrog16 hydrog ?    ? A DG  6 O6  ? ? ? 1_555 A DC  1 N4  ? ? A DG  6 A DC  1 8_665 ? ? ? ? ? ? WATSON-CRICK ?     ? ? 
# 
loop_
_struct_conn_type.id 
_struct_conn_type.criteria 
_struct_conn_type.reference 
covale ? ? 
hydrog ? ? 
# 
loop_
_struct_site.id 
_struct_site.pdbx_evidence_code 
_struct_site.pdbx_auth_asym_id 
_struct_site.pdbx_auth_comp_id 
_struct_site.pdbx_auth_seq_id 
_struct_site.pdbx_auth_ins_code 
_struct_site.pdbx_num_residues 
_struct_site.details 
AC1 Software A BDA 7 ? 8 'BINDING SITE FOR RESIDUE BDA A 7' 
1   ?        ? ?   ? ? ? ?                                  
# 
loop_
_struct_site_gen.id 
_struct_site_gen.site_id 
_struct_site_gen.pdbx_num_res 
_struct_site_gen.label_comp_id 
_struct_site_gen.label_asym_id 
_struct_site_gen.label_seq_id 
_struct_site_gen.pdbx_auth_ins_code 
_struct_site_gen.auth_comp_id 
_struct_site_gen.auth_asym_id 
_struct_site_gen.auth_seq_id 
_struct_site_gen.label_atom_id 
_struct_site_gen.label_alt_id 
_struct_site_gen.symmetry 
_struct_site_gen.details 
1 AC1 8 DC  A 1 ? DC  A 1  . ? 8_665 ? 
2 AC1 8 DG  A 2 ? DG  A 2  . ? 8_665 ? 
3 AC1 8 DA  A 3 ? DA  A 3  . ? 8_665 ? 
4 AC1 8 DT  A 4 ? DT  A 4  . ? 8_665 ? 
5 AC1 8 DT  A 4 ? DT  A 4  . ? 1_555 ? 
6 AC1 8 DC  A 5 ? DC  A 5  . ? 1_555 ? 
7 AC1 8 DG  A 6 ? DG  A 6  . ? 1_555 ? 
8 AC1 8 HOH C . ? HOH A 11 . ? 1_555 ? 
# 
loop_
_pdbx_validate_rmsd_angle.id 
_pdbx_validate_rmsd_angle.PDB_model_num 
_pdbx_validate_rmsd_angle.auth_atom_id_1 
_pdbx_validate_rmsd_angle.auth_asym_id_1 
_pdbx_validate_rmsd_angle.auth_comp_id_1 
_pdbx_validate_rmsd_angle.auth_seq_id_1 
_pdbx_validate_rmsd_angle.PDB_ins_code_1 
_pdbx_validate_rmsd_angle.label_alt_id_1 
_pdbx_validate_rmsd_angle.auth_atom_id_2 
_pdbx_validate_rmsd_angle.auth_asym_id_2 
_pdbx_validate_rmsd_angle.auth_comp_id_2 
_pdbx_validate_rmsd_angle.auth_seq_id_2 
_pdbx_validate_rmsd_angle.PDB_ins_code_2 
_pdbx_validate_rmsd_angle.label_alt_id_2 
_pdbx_validate_rmsd_angle.auth_atom_id_3 
_pdbx_validate_rmsd_angle.auth_asym_id_3 
_pdbx_validate_rmsd_angle.auth_comp_id_3 
_pdbx_validate_rmsd_angle.auth_seq_id_3 
_pdbx_validate_rmsd_angle.PDB_ins_code_3 
_pdbx_validate_rmsd_angle.label_alt_id_3 
_pdbx_validate_rmsd_angle.angle_value 
_pdbx_validate_rmsd_angle.angle_target_value 
_pdbx_validate_rmsd_angle.angle_deviation 
_pdbx_validate_rmsd_angle.angle_standard_deviation 
_pdbx_validate_rmsd_angle.linker_flag 
1 1 N1    A DC 1 ? ? C2    A DC 1 ? ? O2 A DC 1 ? ? 122.73 118.90 3.83  0.60 N 
2 1 "O4'" A DG 2 ? ? "C1'" A DG 2 ? ? N9 A DG 2 ? ? 110.45 108.30 2.15  0.30 N 
3 1 N3    A DT 4 ? ? C2    A DT 4 ? ? O2 A DT 4 ? ? 117.83 122.30 -4.47 0.60 N 
4 1 C6    A DT 4 ? ? C5    A DT 4 ? ? C7 A DT 4 ? ? 118.63 122.90 -4.27 0.60 N 
5 1 N1    A DC 5 ? ? C2    A DC 5 ? ? O2 A DC 5 ? ? 123.24 118.90 4.34  0.60 N 
6 1 N3    A DC 5 ? ? C2    A DC 5 ? ? O2 A DC 5 ? ? 117.64 121.90 -4.26 0.70 N 
# 
_struct_site_keywords.site_id   1 
_struct_site_keywords.text      BIS-INTERCALATION 
# 
loop_
_refine_B_iso.class 
_refine_B_iso.details 
_refine_B_iso.treatment 
_refine_B_iso.pdbx_refine_id 
'ALL ATOMS'  TR isotropic 'X-RAY DIFFRACTION' 
'ALL WATERS' TR isotropic 'X-RAY DIFFRACTION' 
# 
loop_
_refine_occupancy.class 
_refine_occupancy.treatment 
_refine_occupancy.pdbx_refine_id 
'ALL ATOMS'  fix 'X-RAY DIFFRACTION' 
'ALL WATERS' fix 'X-RAY DIFFRACTION' 
# 
loop_
_chem_comp_atom.comp_id 
_chem_comp_atom.atom_id 
_chem_comp_atom.type_symbol 
_chem_comp_atom.pdbx_aromatic_flag 
_chem_comp_atom.pdbx_stereo_config 
_chem_comp_atom.pdbx_ordinal 
BDA C1     C Y N 1   
BDA C2     C Y N 2   
BDA C3     C Y N 3   
BDA C4     C Y N 4   
BDA O4     O N N 5   
BDA C5     C Y N 6   
BDA C6     C N N 7   
BDA O6     O N N 8   
BDA C7     C Y N 9   
BDA C8     C Y N 10  
BDA O8     O N N 11  
BDA C9     C Y N 12  
BDA C10    C N S 13  
BDA O10    O N N 14  
BDA C11    C N N 15  
BDA C12    C N S 16  
BDA O12    O N N 17  
BDA C13    C N N 18  
BDA O13    O N N 19  
BDA C14    C N N 20  
BDA C15    C N N 21  
BDA C16    C Y N 22  
BDA C17    C Y N 23  
BDA O17    O N N 24  
BDA C18    C Y N 25  
BDA C19    C N N 26  
BDA O19    O N N 27  
BDA C20    C Y N 28  
BDA C21    C N N 29  
BDA "C1'"  C N R 30  
BDA "C2'"  C N N 31  
BDA "C3'"  C N S 32  
BDA "N3'"  N N N 33  
BDA "C4'"  C N S 34  
BDA "O4'"  O N N 35  
BDA "C5'"  C N S 36  
BDA "O5'"  O N N 37  
BDA "C6'"  C N N 38  
BDA "C7'"  C N N 39  
BDA "C8'"  C Y N 40  
BDA C9A    C Y N 41  
BDA C9B    C Y N 42  
BDA C1B    C Y N 43  
BDA C2B    C Y N 44  
BDA C3B    C Y N 45  
BDA C4B    C Y N 46  
BDA O4B    O N N 47  
BDA C5B    C Y N 48  
BDA C6B    C N N 49  
BDA "O6'"  O N N 50  
BDA C7B    C Y N 51  
BDA C8B    C Y N 52  
BDA "O8'"  O N N 53  
BDA "C9'"  C Y N 54  
BDA "CA'"  C N S 55  
BDA "OA'"  O N N 56  
BDA "CB'"  C N N 57  
BDA "CC'"  C N S 58  
BDA "OC'"  O N N 59  
BDA "CD'"  C N N 60  
BDA "OD'"  O N N 61  
BDA "CE'"  C N N 62  
BDA "CF'"  C N N 63  
BDA "CG'"  C Y N 64  
BDA "CH'"  C Y N 65  
BDA "OH'"  O N N 66  
BDA "CI'"  C Y N 67  
BDA "CJ'"  C N N 68  
BDA "OJ'"  O N N 69  
BDA "CK'"  C Y N 70  
BDA "CL'"  C N N 71  
BDA C1D    C N R 72  
BDA C2D    C N N 73  
BDA C3D    C N S 74  
BDA N3D    N N N 75  
BDA C4D    C N S 76  
BDA O4D    O N N 77  
BDA C5D    C N S 78  
BDA O5D    O N N 79  
BDA C6D    C N N 80  
BDA C7D    C N N 81  
BDA C8D    C Y N 82  
BDA C1A    C Y N 83  
BDA C1C    C Y N 84  
BDA H1     H N N 85  
BDA H2     H N N 86  
BDA H3     H N N 87  
BDA HO8    H N N 88  
BDA H10    H N N 89  
BDA H111   H N N 90  
BDA H112   H N N 91  
BDA H12    H N N 92  
BDA H141   H N N 93  
BDA H142   H N N 94  
BDA H143   H N N 95  
BDA H151   H N N 96  
BDA H152   H N N 97  
BDA H17    H N N 98  
BDA H211   H N N 99  
BDA H212   H N N 100 
BDA H213   H N N 101 
BDA H1B    H N N 102 
BDA "H2'1" H N N 103 
BDA "H2'2" H N N 104 
BDA H3B    H N N 105 
BDA "HN'1" H N N 106 
BDA "HN'2" H N N 107 
BDA "H4'"  H N N 108 
BDA "HO4'" H N N 109 
BDA "H5'"  H N N 110 
BDA "H6'1" H N N 111 
BDA "H6'2" H N N 112 
BDA "H6'3" H N N 113 
BDA "H7'1" H N N 114 
BDA "H7'2" H N N 115 
BDA H9A    H N N 116 
BDA H9B    H N N 117 
BDA "H1'"  H N N 118 
BDA "H2'"  H N N 119 
BDA "H3'"  H N N 120 
BDA "HO8'" H N N 121 
BDA "H10'" H N N 122 
BDA "HL'1" H N N 123 
BDA "HL'2" H N N 124 
BDA "H12'" H N N 125 
BDA "HK'1" H N N 126 
BDA "HK'2" H N N 127 
BDA "HK'3" H N N 128 
BDA "HJ'1" H N N 129 
BDA "HJ'2" H N N 130 
BDA "H17'" H N N 131 
BDA "HI'1" H N N 132 
BDA "HI'2" H N N 133 
BDA "HI'3" H N N 134 
BDA H1D    H N N 135 
BDA H2B    H N N 136 
BDA H2D    H N N 137 
BDA H3D    H N N 138 
BDA HNB    H N N 139 
BDA HND    H N N 140 
BDA H4D    H N N 141 
BDA HO4A   H N N 142 
BDA H5D    H N N 143 
BDA H6B    H N N 144 
BDA H6D    H N N 145 
BDA H6E    H N N 146 
BDA H7B    H N N 147 
BDA H7D    H N N 148 
BDA "H9A'" H N N 149 
BDA "H9B'" H N N 150 
DA  OP3    O N N 151 
DA  P      P N N 152 
DA  OP1    O N N 153 
DA  OP2    O N N 154 
DA  "O5'"  O N N 155 
DA  "C5'"  C N N 156 
DA  "C4'"  C N R 157 
DA  "O4'"  O N N 158 
DA  "C3'"  C N S 159 
DA  "O3'"  O N N 160 
DA  "C2'"  C N N 161 
DA  "C1'"  C N R 162 
DA  N9     N Y N 163 
DA  C8     C Y N 164 
DA  N7     N Y N 165 
DA  C5     C Y N 166 
DA  C6     C Y N 167 
DA  N6     N N N 168 
DA  N1     N Y N 169 
DA  C2     C Y N 170 
DA  N3     N Y N 171 
DA  C4     C Y N 172 
DA  HOP3   H N N 173 
DA  HOP2   H N N 174 
DA  "H5'"  H N N 175 
DA  "H5''" H N N 176 
DA  "H4'"  H N N 177 
DA  "H3'"  H N N 178 
DA  "HO3'" H N N 179 
DA  "H2'"  H N N 180 
DA  "H2''" H N N 181 
DA  "H1'"  H N N 182 
DA  H8     H N N 183 
DA  H61    H N N 184 
DA  H62    H N N 185 
DA  H2     H N N 186 
DC  OP3    O N N 187 
DC  P      P N N 188 
DC  OP1    O N N 189 
DC  OP2    O N N 190 
DC  "O5'"  O N N 191 
DC  "C5'"  C N N 192 
DC  "C4'"  C N R 193 
DC  "O4'"  O N N 194 
DC  "C3'"  C N S 195 
DC  "O3'"  O N N 196 
DC  "C2'"  C N N 197 
DC  "C1'"  C N R 198 
DC  N1     N N N 199 
DC  C2     C N N 200 
DC  O2     O N N 201 
DC  N3     N N N 202 
DC  C4     C N N 203 
DC  N4     N N N 204 
DC  C5     C N N 205 
DC  C6     C N N 206 
DC  HOP3   H N N 207 
DC  HOP2   H N N 208 
DC  "H5'"  H N N 209 
DC  "H5''" H N N 210 
DC  "H4'"  H N N 211 
DC  "H3'"  H N N 212 
DC  "HO3'" H N N 213 
DC  "H2'"  H N N 214 
DC  "H2''" H N N 215 
DC  "H1'"  H N N 216 
DC  H41    H N N 217 
DC  H42    H N N 218 
DC  H5     H N N 219 
DC  H6     H N N 220 
DG  OP3    O N N 221 
DG  P      P N N 222 
DG  OP1    O N N 223 
DG  OP2    O N N 224 
DG  "O5'"  O N N 225 
DG  "C5'"  C N N 226 
DG  "C4'"  C N R 227 
DG  "O4'"  O N N 228 
DG  "C3'"  C N S 229 
DG  "O3'"  O N N 230 
DG  "C2'"  C N N 231 
DG  "C1'"  C N R 232 
DG  N9     N Y N 233 
DG  C8     C Y N 234 
DG  N7     N Y N 235 
DG  C5     C Y N 236 
DG  C6     C N N 237 
DG  O6     O N N 238 
DG  N1     N N N 239 
DG  C2     C N N 240 
DG  N2     N N N 241 
DG  N3     N N N 242 
DG  C4     C Y N 243 
DG  HOP3   H N N 244 
DG  HOP2   H N N 245 
DG  "H5'"  H N N 246 
DG  "H5''" H N N 247 
DG  "H4'"  H N N 248 
DG  "H3'"  H N N 249 
DG  "HO3'" H N N 250 
DG  "H2'"  H N N 251 
DG  "H2''" H N N 252 
DG  "H1'"  H N N 253 
DG  H8     H N N 254 
DG  H1     H N N 255 
DG  H21    H N N 256 
DG  H22    H N N 257 
DT  OP3    O N N 258 
DT  P      P N N 259 
DT  OP1    O N N 260 
DT  OP2    O N N 261 
DT  "O5'"  O N N 262 
DT  "C5'"  C N N 263 
DT  "C4'"  C N R 264 
DT  "O4'"  O N N 265 
DT  "C3'"  C N S 266 
DT  "O3'"  O N N 267 
DT  "C2'"  C N N 268 
DT  "C1'"  C N R 269 
DT  N1     N N N 270 
DT  C2     C N N 271 
DT  O2     O N N 272 
DT  N3     N N N 273 
DT  C4     C N N 274 
DT  O4     O N N 275 
DT  C5     C N N 276 
DT  C7     C N N 277 
DT  C6     C N N 278 
DT  HOP3   H N N 279 
DT  HOP2   H N N 280 
DT  "H5'"  H N N 281 
DT  "H5''" H N N 282 
DT  "H4'"  H N N 283 
DT  "H3'"  H N N 284 
DT  "HO3'" H N N 285 
DT  "H2'"  H N N 286 
DT  "H2''" H N N 287 
DT  "H1'"  H N N 288 
DT  H3     H N N 289 
DT  H71    H N N 290 
DT  H72    H N N 291 
DT  H73    H N N 292 
DT  H6     H N N 293 
HOH O      O N N 294 
HOH H1     H N N 295 
HOH H2     H N N 296 
# 
loop_
_chem_comp_bond.comp_id 
_chem_comp_bond.atom_id_1 
_chem_comp_bond.atom_id_2 
_chem_comp_bond.value_order 
_chem_comp_bond.pdbx_aromatic_flag 
_chem_comp_bond.pdbx_stereo_config 
_chem_comp_bond.pdbx_ordinal 
BDA C1    C2     doub Y N 1   
BDA C1    C20    sing Y N 2   
BDA C1    H1     sing N N 3   
BDA C2    C3     sing Y N 4   
BDA C2    H2     sing N N 5   
BDA C3    C4     doub Y N 6   
BDA C3    H3     sing N N 7   
BDA C4    O4     sing N N 8   
BDA C4    C5     sing Y N 9   
BDA O4    C21    sing N N 10  
BDA C5    C6     sing N N 11  
BDA C5    C20    doub Y N 12  
BDA C6    O6     doub N N 13  
BDA C6    C7     sing N N 14  
BDA C7    C8     sing Y N 15  
BDA C7    C18    doub Y N 16  
BDA C8    O8     sing N N 17  
BDA C8    C9     doub Y N 18  
BDA O8    HO8    sing N N 19  
BDA C9    C10    sing N N 20  
BDA C9    C16    sing Y N 21  
BDA C10   O10    sing N N 22  
BDA C10   C11    sing N N 23  
BDA C10   H10    sing N N 24  
BDA O10   "C1'"  sing N N 25  
BDA C11   C12    sing N N 26  
BDA C11   H111   sing N N 27  
BDA C11   H112   sing N N 28  
BDA C12   O12    sing N N 29  
BDA C12   C13    sing N N 30  
BDA C12   C15    sing N N 31  
BDA O12   H12    sing N N 32  
BDA C13   O13    doub N N 33  
BDA C13   C14    sing N N 34  
BDA C14   H141   sing N N 35  
BDA C14   H142   sing N N 36  
BDA C14   H143   sing N N 37  
BDA C15   C16    sing N N 38  
BDA C15   H151   sing N N 39  
BDA C15   H152   sing N N 40  
BDA C16   C17    doub Y N 41  
BDA C17   O17    sing N N 42  
BDA C17   C18    sing Y N 43  
BDA O17   H17    sing N N 44  
BDA C18   C19    sing N N 45  
BDA C19   O19    doub N N 46  
BDA C19   C20    sing N N 47  
BDA C21   H211   sing N N 48  
BDA C21   H212   sing N N 49  
BDA C21   H213   sing N N 50  
BDA "C1'" "C2'"  sing N N 51  
BDA "C1'" "O5'"  sing N N 52  
BDA "C1'" H1B    sing N N 53  
BDA "C2'" "C3'"  sing N N 54  
BDA "C2'" "H2'1" sing N N 55  
BDA "C2'" "H2'2" sing N N 56  
BDA "C3'" "N3'"  sing N N 57  
BDA "C3'" "C4'"  sing N N 58  
BDA "C3'" H3B    sing N N 59  
BDA "N3'" "C7'"  sing N N 60  
BDA "N3'" "HN'1" sing N N 61  
BDA "N3'" "HN'2" sing N N 62  
BDA "C4'" "O4'"  sing N N 63  
BDA "C4'" "C5'"  sing N N 64  
BDA "C4'" "H4'"  sing N N 65  
BDA "O4'" "HO4'" sing N N 66  
BDA "C5'" "O5'"  sing N N 67  
BDA "C5'" "C6'"  sing N N 68  
BDA "C5'" "H5'"  sing N N 69  
BDA "C6'" "H6'1" sing N N 70  
BDA "C6'" "H6'2" sing N N 71  
BDA "C6'" "H6'3" sing N N 72  
BDA "C7'" "C8'"  sing N N 73  
BDA "C7'" "H7'1" sing N N 74  
BDA "C7'" "H7'2" sing N N 75  
BDA "C8'" C9A    doub Y N 76  
BDA "C8'" C9B    sing Y N 77  
BDA C9A   C1A    sing Y N 78  
BDA C9A   H9A    sing N N 79  
BDA C9B   C1C    doub Y N 80  
BDA C9B   H9B    sing N N 81  
BDA C1B   C2B    doub Y N 82  
BDA C1B   "CK'"  sing Y N 83  
BDA C1B   "H1'"  sing N N 84  
BDA C2B   C3B    sing Y N 85  
BDA C2B   "H2'"  sing N N 86  
BDA C3B   C4B    doub Y N 87  
BDA C3B   "H3'"  sing N N 88  
BDA C4B   O4B    sing N N 89  
BDA C4B   C5B    sing Y N 90  
BDA O4B   "CL'"  sing N N 91  
BDA C5B   C6B    sing N N 92  
BDA C5B   "CK'"  doub Y N 93  
BDA C6B   "O6'"  doub N N 94  
BDA C6B   C7B    sing N N 95  
BDA C7B   C8B    sing Y N 96  
BDA C7B   "CI'"  doub Y N 97  
BDA C8B   "O8'"  sing N N 98  
BDA C8B   "C9'"  doub Y N 99  
BDA "O8'" "HO8'" sing N N 100 
BDA "C9'" "CA'"  sing N N 101 
BDA "C9'" "CG'"  sing Y N 102 
BDA "CA'" "OA'"  sing N N 103 
BDA "CA'" "CB'"  sing N N 104 
BDA "CA'" "H10'" sing N N 105 
BDA "OA'" C1D    sing N N 106 
BDA "CB'" "CC'"  sing N N 107 
BDA "CB'" "HL'1" sing N N 108 
BDA "CB'" "HL'2" sing N N 109 
BDA "CC'" "OC'"  sing N N 110 
BDA "CC'" "CD'"  sing N N 111 
BDA "CC'" "CF'"  sing N N 112 
BDA "OC'" "H12'" sing N N 113 
BDA "CD'" "OD'"  doub N N 114 
BDA "CD'" "CE'"  sing N N 115 
BDA "CE'" "HK'1" sing N N 116 
BDA "CE'" "HK'2" sing N N 117 
BDA "CE'" "HK'3" sing N N 118 
BDA "CF'" "CG'"  sing N N 119 
BDA "CF'" "HJ'1" sing N N 120 
BDA "CF'" "HJ'2" sing N N 121 
BDA "CG'" "CH'"  doub Y N 122 
BDA "CH'" "OH'"  sing N N 123 
BDA "CH'" "CI'"  sing Y N 124 
BDA "OH'" "H17'" sing N N 125 
BDA "CI'" "CJ'"  sing N N 126 
BDA "CJ'" "OJ'"  doub N N 127 
BDA "CJ'" "CK'"  sing N N 128 
BDA "CL'" "HI'1" sing N N 129 
BDA "CL'" "HI'2" sing N N 130 
BDA "CL'" "HI'3" sing N N 131 
BDA C1D   C2D    sing N N 132 
BDA C1D   O5D    sing N N 133 
BDA C1D   H1D    sing N N 134 
BDA C2D   C3D    sing N N 135 
BDA C2D   H2B    sing N N 136 
BDA C2D   H2D    sing N N 137 
BDA C3D   N3D    sing N N 138 
BDA C3D   C4D    sing N N 139 
BDA C3D   H3D    sing N N 140 
BDA N3D   C7D    sing N N 141 
BDA N3D   HNB    sing N N 142 
BDA N3D   HND    sing N N 143 
BDA C4D   O4D    sing N N 144 
BDA C4D   C5D    sing N N 145 
BDA C4D   H4D    sing N N 146 
BDA O4D   HO4A   sing N N 147 
BDA C5D   O5D    sing N N 148 
BDA C5D   C6D    sing N N 149 
BDA C5D   H5D    sing N N 150 
BDA C6D   H6B    sing N N 151 
BDA C6D   H6D    sing N N 152 
BDA C6D   H6E    sing N N 153 
BDA C7D   C8D    sing N N 154 
BDA C7D   H7B    sing N N 155 
BDA C7D   H7D    sing N N 156 
BDA C8D   C1A    doub Y N 157 
BDA C8D   C1C    sing Y N 158 
BDA C1A   "H9A'" sing N N 159 
BDA C1C   "H9B'" sing N N 160 
DA  OP3   P      sing N N 161 
DA  OP3   HOP3   sing N N 162 
DA  P     OP1    doub N N 163 
DA  P     OP2    sing N N 164 
DA  P     "O5'"  sing N N 165 
DA  OP2   HOP2   sing N N 166 
DA  "O5'" "C5'"  sing N N 167 
DA  "C5'" "C4'"  sing N N 168 
DA  "C5'" "H5'"  sing N N 169 
DA  "C5'" "H5''" sing N N 170 
DA  "C4'" "O4'"  sing N N 171 
DA  "C4'" "C3'"  sing N N 172 
DA  "C4'" "H4'"  sing N N 173 
DA  "O4'" "C1'"  sing N N 174 
DA  "C3'" "O3'"  sing N N 175 
DA  "C3'" "C2'"  sing N N 176 
DA  "C3'" "H3'"  sing N N 177 
DA  "O3'" "HO3'" sing N N 178 
DA  "C2'" "C1'"  sing N N 179 
DA  "C2'" "H2'"  sing N N 180 
DA  "C2'" "H2''" sing N N 181 
DA  "C1'" N9     sing N N 182 
DA  "C1'" "H1'"  sing N N 183 
DA  N9    C8     sing Y N 184 
DA  N9    C4     sing Y N 185 
DA  C8    N7     doub Y N 186 
DA  C8    H8     sing N N 187 
DA  N7    C5     sing Y N 188 
DA  C5    C6     sing Y N 189 
DA  C5    C4     doub Y N 190 
DA  C6    N6     sing N N 191 
DA  C6    N1     doub Y N 192 
DA  N6    H61    sing N N 193 
DA  N6    H62    sing N N 194 
DA  N1    C2     sing Y N 195 
DA  C2    N3     doub Y N 196 
DA  C2    H2     sing N N 197 
DA  N3    C4     sing Y N 198 
DC  OP3   P      sing N N 199 
DC  OP3   HOP3   sing N N 200 
DC  P     OP1    doub N N 201 
DC  P     OP2    sing N N 202 
DC  P     "O5'"  sing N N 203 
DC  OP2   HOP2   sing N N 204 
DC  "O5'" "C5'"  sing N N 205 
DC  "C5'" "C4'"  sing N N 206 
DC  "C5'" "H5'"  sing N N 207 
DC  "C5'" "H5''" sing N N 208 
DC  "C4'" "O4'"  sing N N 209 
DC  "C4'" "C3'"  sing N N 210 
DC  "C4'" "H4'"  sing N N 211 
DC  "O4'" "C1'"  sing N N 212 
DC  "C3'" "O3'"  sing N N 213 
DC  "C3'" "C2'"  sing N N 214 
DC  "C3'" "H3'"  sing N N 215 
DC  "O3'" "HO3'" sing N N 216 
DC  "C2'" "C1'"  sing N N 217 
DC  "C2'" "H2'"  sing N N 218 
DC  "C2'" "H2''" sing N N 219 
DC  "C1'" N1     sing N N 220 
DC  "C1'" "H1'"  sing N N 221 
DC  N1    C2     sing N N 222 
DC  N1    C6     sing N N 223 
DC  C2    O2     doub N N 224 
DC  C2    N3     sing N N 225 
DC  N3    C4     doub N N 226 
DC  C4    N4     sing N N 227 
DC  C4    C5     sing N N 228 
DC  N4    H41    sing N N 229 
DC  N4    H42    sing N N 230 
DC  C5    C6     doub N N 231 
DC  C5    H5     sing N N 232 
DC  C6    H6     sing N N 233 
DG  OP3   P      sing N N 234 
DG  OP3   HOP3   sing N N 235 
DG  P     OP1    doub N N 236 
DG  P     OP2    sing N N 237 
DG  P     "O5'"  sing N N 238 
DG  OP2   HOP2   sing N N 239 
DG  "O5'" "C5'"  sing N N 240 
DG  "C5'" "C4'"  sing N N 241 
DG  "C5'" "H5'"  sing N N 242 
DG  "C5'" "H5''" sing N N 243 
DG  "C4'" "O4'"  sing N N 244 
DG  "C4'" "C3'"  sing N N 245 
DG  "C4'" "H4'"  sing N N 246 
DG  "O4'" "C1'"  sing N N 247 
DG  "C3'" "O3'"  sing N N 248 
DG  "C3'" "C2'"  sing N N 249 
DG  "C3'" "H3'"  sing N N 250 
DG  "O3'" "HO3'" sing N N 251 
DG  "C2'" "C1'"  sing N N 252 
DG  "C2'" "H2'"  sing N N 253 
DG  "C2'" "H2''" sing N N 254 
DG  "C1'" N9     sing N N 255 
DG  "C1'" "H1'"  sing N N 256 
DG  N9    C8     sing Y N 257 
DG  N9    C4     sing Y N 258 
DG  C8    N7     doub Y N 259 
DG  C8    H8     sing N N 260 
DG  N7    C5     sing Y N 261 
DG  C5    C6     sing N N 262 
DG  C5    C4     doub Y N 263 
DG  C6    O6     doub N N 264 
DG  C6    N1     sing N N 265 
DG  N1    C2     sing N N 266 
DG  N1    H1     sing N N 267 
DG  C2    N2     sing N N 268 
DG  C2    N3     doub N N 269 
DG  N2    H21    sing N N 270 
DG  N2    H22    sing N N 271 
DG  N3    C4     sing N N 272 
DT  OP3   P      sing N N 273 
DT  OP3   HOP3   sing N N 274 
DT  P     OP1    doub N N 275 
DT  P     OP2    sing N N 276 
DT  P     "O5'"  sing N N 277 
DT  OP2   HOP2   sing N N 278 
DT  "O5'" "C5'"  sing N N 279 
DT  "C5'" "C4'"  sing N N 280 
DT  "C5'" "H5'"  sing N N 281 
DT  "C5'" "H5''" sing N N 282 
DT  "C4'" "O4'"  sing N N 283 
DT  "C4'" "C3'"  sing N N 284 
DT  "C4'" "H4'"  sing N N 285 
DT  "O4'" "C1'"  sing N N 286 
DT  "C3'" "O3'"  sing N N 287 
DT  "C3'" "C2'"  sing N N 288 
DT  "C3'" "H3'"  sing N N 289 
DT  "O3'" "HO3'" sing N N 290 
DT  "C2'" "C1'"  sing N N 291 
DT  "C2'" "H2'"  sing N N 292 
DT  "C2'" "H2''" sing N N 293 
DT  "C1'" N1     sing N N 294 
DT  "C1'" "H1'"  sing N N 295 
DT  N1    C2     sing N N 296 
DT  N1    C6     sing N N 297 
DT  C2    O2     doub N N 298 
DT  C2    N3     sing N N 299 
DT  N3    C4     sing N N 300 
DT  N3    H3     sing N N 301 
DT  C4    O4     doub N N 302 
DT  C4    C5     sing N N 303 
DT  C5    C7     sing N N 304 
DT  C5    C6     doub N N 305 
DT  C7    H71    sing N N 306 
DT  C7    H72    sing N N 307 
DT  C7    H73    sing N N 308 
DT  C6    H6     sing N N 309 
HOH O     H1     sing N N 310 
HOH O     H2     sing N N 311 
# 
_ndb_struct_conf_na.entry_id   1AGL 
_ndb_struct_conf_na.feature    'b-form double helix' 
# 
loop_
_ndb_struct_na_base_pair.model_number 
_ndb_struct_na_base_pair.i_label_asym_id 
_ndb_struct_na_base_pair.i_label_comp_id 
_ndb_struct_na_base_pair.i_label_seq_id 
_ndb_struct_na_base_pair.i_symmetry 
_ndb_struct_na_base_pair.j_label_asym_id 
_ndb_struct_na_base_pair.j_label_comp_id 
_ndb_struct_na_base_pair.j_label_seq_id 
_ndb_struct_na_base_pair.j_symmetry 
_ndb_struct_na_base_pair.shear 
_ndb_struct_na_base_pair.stretch 
_ndb_struct_na_base_pair.stagger 
_ndb_struct_na_base_pair.buckle 
_ndb_struct_na_base_pair.propeller 
_ndb_struct_na_base_pair.opening 
_ndb_struct_na_base_pair.pair_number 
_ndb_struct_na_base_pair.pair_name 
_ndb_struct_na_base_pair.i_auth_asym_id 
_ndb_struct_na_base_pair.i_auth_seq_id 
_ndb_struct_na_base_pair.i_PDB_ins_code 
_ndb_struct_na_base_pair.j_auth_asym_id 
_ndb_struct_na_base_pair.j_auth_seq_id 
_ndb_struct_na_base_pair.j_PDB_ins_code 
_ndb_struct_na_base_pair.hbond_type_28 
_ndb_struct_na_base_pair.hbond_type_12 
1 A DC 1 1_555 A DG 6 8_665 0.410  -0.367 -0.099 7.237   1.710  -0.918 1 A_DC1:DG6_A A 1 ? A 6 ? 19 1 
1 A DG 2 1_555 A DC 5 8_665 -0.610 -0.530 -0.312 -20.524 2.722  -0.778 2 A_DG2:DC5_A A 2 ? A 5 ? 19 1 
1 A DA 3 1_555 A DT 4 8_665 -0.184 -0.211 0.214  -2.211  -5.817 4.199  3 A_DA3:DT4_A A 3 ? A 4 ? 20 1 
1 A DT 4 1_555 A DA 3 8_665 0.184  -0.211 0.214  2.211   -5.817 4.199  4 A_DT4:DA3_A A 4 ? A 3 ? 20 1 
1 A DC 5 1_555 A DG 2 8_665 0.610  -0.530 -0.312 20.524  2.722  -0.778 5 A_DC5:DG2_A A 5 ? A 2 ? 19 1 
1 A DG 6 1_555 A DC 1 8_665 -0.410 -0.367 -0.099 -7.237  1.709  -0.918 6 A_DG6:DC1_A A 6 ? A 1 ? 19 1 
# 
loop_
_ndb_struct_na_base_pair_step.model_number 
_ndb_struct_na_base_pair_step.i_label_asym_id_1 
_ndb_struct_na_base_pair_step.i_label_comp_id_1 
_ndb_struct_na_base_pair_step.i_label_seq_id_1 
_ndb_struct_na_base_pair_step.i_symmetry_1 
_ndb_struct_na_base_pair_step.j_label_asym_id_1 
_ndb_struct_na_base_pair_step.j_label_comp_id_1 
_ndb_struct_na_base_pair_step.j_label_seq_id_1 
_ndb_struct_na_base_pair_step.j_symmetry_1 
_ndb_struct_na_base_pair_step.i_label_asym_id_2 
_ndb_struct_na_base_pair_step.i_label_comp_id_2 
_ndb_struct_na_base_pair_step.i_label_seq_id_2 
_ndb_struct_na_base_pair_step.i_symmetry_2 
_ndb_struct_na_base_pair_step.j_label_asym_id_2 
_ndb_struct_na_base_pair_step.j_label_comp_id_2 
_ndb_struct_na_base_pair_step.j_label_seq_id_2 
_ndb_struct_na_base_pair_step.j_symmetry_2 
_ndb_struct_na_base_pair_step.shift 
_ndb_struct_na_base_pair_step.slide 
_ndb_struct_na_base_pair_step.rise 
_ndb_struct_na_base_pair_step.tilt 
_ndb_struct_na_base_pair_step.roll 
_ndb_struct_na_base_pair_step.twist 
_ndb_struct_na_base_pair_step.x_displacement 
_ndb_struct_na_base_pair_step.y_displacement 
_ndb_struct_na_base_pair_step.helical_rise 
_ndb_struct_na_base_pair_step.inclination 
_ndb_struct_na_base_pair_step.tip 
_ndb_struct_na_base_pair_step.helical_twist 
_ndb_struct_na_base_pair_step.step_number 
_ndb_struct_na_base_pair_step.step_name 
_ndb_struct_na_base_pair_step.i_auth_asym_id_1 
_ndb_struct_na_base_pair_step.i_auth_seq_id_1 
_ndb_struct_na_base_pair_step.i_PDB_ins_code_1 
_ndb_struct_na_base_pair_step.j_auth_asym_id_1 
_ndb_struct_na_base_pair_step.j_auth_seq_id_1 
_ndb_struct_na_base_pair_step.j_PDB_ins_code_1 
_ndb_struct_na_base_pair_step.i_auth_asym_id_2 
_ndb_struct_na_base_pair_step.i_auth_seq_id_2 
_ndb_struct_na_base_pair_step.i_PDB_ins_code_2 
_ndb_struct_na_base_pair_step.j_auth_asym_id_2 
_ndb_struct_na_base_pair_step.j_auth_seq_id_2 
_ndb_struct_na_base_pair_step.j_PDB_ins_code_2 
1 A DC 1 1_555 A DG 6 8_665 A DG 2 1_555 A DC 5 8_665 0.884  1.325  7.184 3.211  -1.036 31.378 2.860  -0.312 7.190 -1.909 -5.916  
31.554 1 AA_DC1DG2:DC5DG6_AA A 1 ? A 6 ? A 2 ? A 5 ? 
1 A DG 2 1_555 A DC 5 8_665 A DA 3 1_555 A DT 4 8_665 -0.777 1.720  3.036 -7.839 2.873  35.269 2.373  0.176  3.254 4.661  12.719  
36.213 2 AA_DG2DA3:DT4DC5_AA A 2 ? A 5 ? A 3 ? A 4 ? 
1 A DA 3 1_555 A DT 4 8_665 A DT 4 1_555 A DA 3 8_665 0.000  -0.596 3.382 0.000  -1.925 29.915 -0.741 0.000  3.413 -3.724 0.000   
29.976 3 AA_DA3DT4:DA3DT4_AA A 3 ? A 4 ? A 4 ? A 3 ? 
1 A DT 4 1_555 A DA 3 8_665 A DC 5 1_555 A DG 2 8_665 0.777  1.720  3.036 7.839  2.873  35.269 2.373  -0.176 3.254 4.661  -12.719 
36.213 4 AA_DT4DC5:DG2DA3_AA A 4 ? A 3 ? A 5 ? A 2 ? 
1 A DC 5 1_555 A DG 2 8_665 A DG 6 1_555 A DC 1 8_665 -0.884 1.325  7.184 -3.211 -1.036 31.378 2.860  0.312  7.190 -1.909 5.916   
31.554 5 AA_DC5DG6:DC1DG2_AA A 5 ? A 2 ? A 6 ? A 1 ? 
# 
_pdbx_initial_refinement_model.accession_code   152D 
_pdbx_initial_refinement_model.id               1 
_pdbx_initial_refinement_model.entity_id_list   ? 
_pdbx_initial_refinement_model.type             'experimental model' 
_pdbx_initial_refinement_model.source_name      PDB 
_pdbx_initial_refinement_model.details          DDF045 
# 
_atom_sites.entry_id                    1AGL 
_atom_sites.fract_transf_matrix[1][1]   0.02013446 
_atom_sites.fract_transf_matrix[1][2]   -0.02277384 
_atom_sites.fract_transf_matrix[1][3]   0.01808881 
_atom_sites.fract_transf_matrix[2][1]   -0.00530540 
_atom_sites.fract_transf_matrix[2][2]   0.01875537 
_atom_sites.fract_transf_matrix[2][3]   0.02951843 
_atom_sites.fract_transf_matrix[3][1]   -0.01503463 
_atom_sites.fract_transf_matrix[3][2]   -0.01026040 
_atom_sites.fract_transf_matrix[3][3]   0.00381703 
_atom_sites.fract_transf_vector[1]      0.582000 
_atom_sites.fract_transf_vector[2]      0.541286 
_atom_sites.fract_transf_vector[3]      0.220092 
# 
loop_
_atom_type.symbol 
C 
N 
O 
P 
# 
loop_
_atom_site.group_PDB 
_atom_site.id 
_atom_site.type_symbol 
_atom_site.label_atom_id 
_atom_site.label_alt_id 
_atom_site.label_comp_id 
_atom_site.label_asym_id 
_atom_site.label_entity_id 
_atom_site.label_seq_id 
_atom_site.pdbx_PDB_ins_code 
_atom_site.Cartn_x 
_atom_site.Cartn_y 
_atom_site.Cartn_z 
_atom_site.occupancy 
_atom_site.B_iso_or_equiv 
_atom_site.pdbx_formal_charge 
_atom_site.auth_seq_id 
_atom_site.auth_comp_id 
_atom_site.auth_asym_id 
_atom_site.auth_atom_id 
_atom_site.pdbx_PDB_model_num 
ATOM   1   O "O5'" . DC  A 1 1 ? -14.601 0.806  1.719  1.00 21.94 ? 1  DC  A "O5'" 1 
ATOM   2   C "C5'" . DC  A 1 1 ? -15.050 0.593  3.062  1.00 16.63 ? 1  DC  A "C5'" 1 
ATOM   3   C "C4'" . DC  A 1 1 ? -14.504 -0.685 3.723  1.00 18.84 ? 1  DC  A "C4'" 1 
ATOM   4   O "O4'" . DC  A 1 1 ? -14.818 -1.890 2.994  1.00 12.77 ? 1  DC  A "O4'" 1 
ATOM   5   C "C3'" . DC  A 1 1 ? -12.997 -0.615 3.916  1.00 18.81 ? 1  DC  A "C3'" 1 
ATOM   6   O "O3'" . DC  A 1 1 ? -12.742 -0.972 5.274  1.00 23.77 ? 1  DC  A "O3'" 1 
ATOM   7   C "C2'" . DC  A 1 1 ? -12.493 -1.645 2.918  1.00 15.12 ? 1  DC  A "C2'" 1 
ATOM   8   C "C1'" . DC  A 1 1 ? -13.631 -2.644 2.764  1.00 12.90 ? 1  DC  A "C1'" 1 
ATOM   9   N N1    . DC  A 1 1 ? -13.725 -3.186 1.400  1.00 13.97 ? 1  DC  A N1    1 
ATOM   10  C C2    . DC  A 1 1 ? -13.142 -4.412 1.114  1.00 10.17 ? 1  DC  A C2    1 
ATOM   11  O O2    . DC  A 1 1 ? -12.562 -5.084 1.958  1.00 9.00  ? 1  DC  A O2    1 
ATOM   12  N N3    . DC  A 1 1 ? -13.219 -4.892 -0.148 1.00 10.22 ? 1  DC  A N3    1 
ATOM   13  C C4    . DC  A 1 1 ? -13.865 -4.199 -1.077 1.00 6.53  ? 1  DC  A C4    1 
ATOM   14  N N4    . DC  A 1 1 ? -13.915 -4.698 -2.283 1.00 11.82 ? 1  DC  A N4    1 
ATOM   15  C C5    . DC  A 1 1 ? -14.484 -2.941 -0.815 1.00 12.34 ? 1  DC  A C5    1 
ATOM   16  C C6    . DC  A 1 1 ? -14.380 -2.472 0.443  1.00 9.72  ? 1  DC  A C6    1 
ATOM   17  P P     . DG  A 1 2 ? -11.808 -0.060 6.208  1.00 26.09 ? 2  DG  A P     1 
ATOM   18  O OP1   . DG  A 1 2 ? -11.918 -0.597 7.579  1.00 26.89 ? 2  DG  A OP1   1 
ATOM   19  O OP2   . DG  A 1 2 ? -12.104 1.373  5.967  1.00 28.36 ? 2  DG  A OP2   1 
ATOM   20  O "O5'" . DG  A 1 2 ? -10.333 -0.366 5.637  1.00 27.59 ? 2  DG  A "O5'" 1 
ATOM   21  C "C5'" . DG  A 1 2 ? -9.615  -1.585 5.956  1.00 24.61 ? 2  DG  A "C5'" 1 
ATOM   22  C "C4'" . DG  A 1 2 ? -8.228  -1.730 5.279  1.00 23.60 ? 2  DG  A "C4'" 1 
ATOM   23  O "O4'" . DG  A 1 2 ? -8.329  -1.853 3.846  1.00 22.26 ? 2  DG  A "O4'" 1 
ATOM   24  C "C3'" . DG  A 1 2 ? -7.355  -0.491 5.569  1.00 21.88 ? 2  DG  A "C3'" 1 
ATOM   25  O "O3'" . DG  A 1 2 ? -6.028  -0.865 5.968  1.00 27.23 ? 2  DG  A "O3'" 1 
ATOM   26  C "C2'" . DG  A 1 2 ? -7.353  0.208  4.236  1.00 19.18 ? 2  DG  A "C2'" 1 
ATOM   27  C "C1'" . DG  A 1 2 ? -7.368  -0.952 3.273  1.00 15.61 ? 2  DG  A "C1'" 1 
ATOM   28  N N9    . DG  A 1 2 ? -7.754  -0.593 1.908  1.00 7.33  ? 2  DG  A N9    1 
ATOM   29  C C8    . DG  A 1 2 ? -8.559  0.401  1.451  1.00 7.79  ? 2  DG  A C8    1 
ATOM   30  N N7    . DG  A 1 2 ? -8.715  0.420  0.154  1.00 6.65  ? 2  DG  A N7    1 
ATOM   31  C C5    . DG  A 1 2 ? -7.969  -0.679 -0.262 1.00 2.35  ? 2  DG  A C5    1 
ATOM   32  C C6    . DG  A 1 2 ? -7.749  -1.180 -1.555 1.00 6.98  ? 2  DG  A C6    1 
ATOM   33  O O6    . DG  A 1 2 ? -8.206  -0.741 -2.606 1.00 9.54  ? 2  DG  A O6    1 
ATOM   34  N N1    . DG  A 1 2 ? -6.933  -2.300 -1.544 1.00 6.90  ? 2  DG  A N1    1 
ATOM   35  C C2    . DG  A 1 2 ? -6.404  -2.858 -0.408 1.00 9.83  ? 2  DG  A C2    1 
ATOM   36  N N2    . DG  A 1 2 ? -5.668  -3.939 -0.524 1.00 2.85  ? 2  DG  A N2    1 
ATOM   37  N N3    . DG  A 1 2 ? -6.610  -2.392 0.807  1.00 2.01  ? 2  DG  A N3    1 
ATOM   38  C C4    . DG  A 1 2 ? -7.391  -1.300 0.803  1.00 7.39  ? 2  DG  A C4    1 
ATOM   39  P P     . DA  A 1 3 ? -5.441  -0.565 7.458  1.00 31.53 ? 3  DA  A P     1 
ATOM   40  O OP1   . DA  A 1 3 ? -6.238  -1.289 8.488  1.00 31.06 ? 3  DA  A OP1   1 
ATOM   41  O OP2   . DA  A 1 3 ? -5.204  0.898  7.578  1.00 28.99 ? 3  DA  A OP2   1 
ATOM   42  O "O5'" . DA  A 1 3 ? -4.013  -1.281 7.326  1.00 30.21 ? 3  DA  A "O5'" 1 
ATOM   43  C "C5'" . DA  A 1 3 ? -3.963  -2.695 7.168  1.00 23.22 ? 3  DA  A "C5'" 1 
ATOM   44  C "C4'" . DA  A 1 3 ? -3.011  -3.125 6.061  1.00 18.82 ? 3  DA  A "C4'" 1 
ATOM   45  O "O4'" . DA  A 1 3 ? -3.464  -2.788 4.743  1.00 16.53 ? 3  DA  A "O4'" 1 
ATOM   46  C "C3'" . DA  A 1 3 ? -1.658  -2.509 6.263  1.00 15.71 ? 3  DA  A "C3'" 1 
ATOM   47  O "O3'" . DA  A 1 3 ? -0.708  -3.566 6.187  1.00 16.92 ? 3  DA  A "O3'" 1 
ATOM   48  C "C2'" . DA  A 1 3 ? -1.553  -1.555 5.109  1.00 15.63 ? 3  DA  A "C2'" 1 
ATOM   49  C "C1'" . DA  A 1 3 ? -2.420  -2.158 4.013  1.00 16.07 ? 3  DA  A "C1'" 1 
ATOM   50  N N9    . DA  A 1 3 ? -3.090  -1.138 3.192  1.00 14.70 ? 3  DA  A N9    1 
ATOM   51  C C8    . DA  A 1 3 ? -3.754  -0.014 3.597  1.00 14.07 ? 3  DA  A C8    1 
ATOM   52  N N7    . DA  A 1 3 ? -4.263  0.685  2.627  1.00 12.78 ? 3  DA  A N7    1 
ATOM   53  C C5    . DA  A 1 3 ? -3.943  -0.063 1.507  1.00 11.98 ? 3  DA  A C5    1 
ATOM   54  C C6    . DA  A 1 3 ? -4.197  0.133  0.155  1.00 15.93 ? 3  DA  A C6    1 
ATOM   55  N N6    . DA  A 1 3 ? -4.871  1.176  -0.308 1.00 15.90 ? 3  DA  A N6    1 
ATOM   56  N N1    . DA  A 1 3 ? -3.729  -0.765 -0.696 1.00 12.49 ? 3  DA  A N1    1 
ATOM   57  C C2    . DA  A 1 3 ? -3.069  -1.811 -0.212 1.00 12.30 ? 3  DA  A C2    1 
ATOM   58  N N3    . DA  A 1 3 ? -2.745  -2.120 1.027  1.00 16.40 ? 3  DA  A N3    1 
ATOM   59  C C4    . DA  A 1 3 ? -3.241  -1.181 1.847  1.00 13.83 ? 3  DA  A C4    1 
ATOM   60  P P     . DT  A 1 4 ? 0.846   -3.308 6.453  1.00 18.81 ? 4  DT  A P     1 
ATOM   61  O OP1   . DT  A 1 4 ? 1.430   -4.517 7.082  1.00 21.11 ? 4  DT  A OP1   1 
ATOM   62  O OP2   . DT  A 1 4 ? 0.997   -1.968 7.077  1.00 13.70 ? 4  DT  A OP2   1 
ATOM   63  O "O5'" . DT  A 1 4 ? 1.408   -3.187 4.986  1.00 16.62 ? 4  DT  A "O5'" 1 
ATOM   64  C "C5'" . DT  A 1 4 ? 1.302   -4.286 4.072  1.00 15.93 ? 4  DT  A "C5'" 1 
ATOM   65  C "C4'" . DT  A 1 4 ? 1.529   -3.806 2.641  1.00 13.91 ? 4  DT  A "C4'" 1 
ATOM   66  O "O4'" . DT  A 1 4 ? 0.640   -2.738 2.301  1.00 15.60 ? 4  DT  A "O4'" 1 
ATOM   67  C "C3'" . DT  A 1 4 ? 2.925   -3.216 2.514  1.00 11.48 ? 4  DT  A "C3'" 1 
ATOM   68  O "O3'" . DT  A 1 4 ? 3.780   -4.239 2.032  1.00 17.80 ? 4  DT  A "O3'" 1 
ATOM   69  C "C2'" . DT  A 1 4 ? 2.729   -2.064 1.571  1.00 9.95  ? 4  DT  A "C2'" 1 
ATOM   70  C "C1'" . DT  A 1 4 ? 1.270   -2.079 1.191  1.00 12.47 ? 4  DT  A "C1'" 1 
ATOM   71  N N1    . DT  A 1 4 ? 0.584   -0.778 1.066  1.00 10.28 ? 4  DT  A N1    1 
ATOM   72  C C2    . DT  A 1 4 ? 0.122   -0.398 -0.170 1.00 11.51 ? 4  DT  A C2    1 
ATOM   73  O O2    . DT  A 1 4 ? 0.302   -1.023 -1.188 1.00 13.83 ? 4  DT  A O2    1 
ATOM   74  N N3    . DT  A 1 4 ? -0.568  0.769  -0.255 1.00 15.02 ? 4  DT  A N3    1 
ATOM   75  C C4    . DT  A 1 4 ? -0.848  1.603  0.788  1.00 13.07 ? 4  DT  A C4    1 
ATOM   76  O O4    . DT  A 1 4 ? -1.460  2.639  0.561  1.00 15.33 ? 4  DT  A O4    1 
ATOM   77  C C5    . DT  A 1 4 ? -0.351  1.144  2.063  1.00 10.85 ? 4  DT  A C5    1 
ATOM   78  C C7    . DT  A 1 4 ? -0.555  1.986  3.325  1.00 12.24 ? 4  DT  A C7    1 
ATOM   79  C C6    . DT  A 1 4 ? 0.325   -0.008 2.163  1.00 9.06  ? 4  DT  A C6    1 
ATOM   80  P P     . DC  A 1 5 ? 5.306   -4.409 2.494  1.00 24.72 ? 5  DC  A P     1 
ATOM   81  O OP1   . DC  A 1 5 ? 5.668   -5.833 2.286  1.00 27.14 ? 5  DC  A OP1   1 
ATOM   82  O OP2   . DC  A 1 5 ? 5.546   -3.748 3.802  1.00 25.23 ? 5  DC  A OP2   1 
ATOM   83  O "O5'" . DC  A 1 5 ? 6.054   -3.518 1.406  1.00 22.42 ? 5  DC  A "O5'" 1 
ATOM   84  C "C5'" . DC  A 1 5 ? 6.119   -3.931 0.042  1.00 17.60 ? 5  DC  A "C5'" 1 
ATOM   85  C "C4'" . DC  A 1 5 ? 6.290   -2.747 -0.896 1.00 16.50 ? 5  DC  A "C4'" 1 
ATOM   86  O "O4'" . DC  A 1 5 ? 5.180   -1.840 -0.696 1.00 12.38 ? 5  DC  A "O4'" 1 
ATOM   87  C "C3'" . DC  A 1 5 ? 7.599   -1.981 -0.698 1.00 13.96 ? 5  DC  A "C3'" 1 
ATOM   88  O "O3'" . DC  A 1 5 ? 8.132   -1.637 -1.961 1.00 17.70 ? 5  DC  A "O3'" 1 
ATOM   89  C "C2'" . DC  A 1 5 ? 7.088   -0.708 -0.086 1.00 10.61 ? 5  DC  A "C2'" 1 
ATOM   90  C "C1'" . DC  A 1 5 ? 5.714   -0.539 -0.715 1.00 11.66 ? 5  DC  A "C1'" 1 
ATOM   91  N N1    . DC  A 1 5 ? 4.813   0.375  0.009  1.00 9.19  ? 5  DC  A N1    1 
ATOM   92  C C2    . DC  A 1 5 ? 3.809   0.985  -0.683 1.00 5.97  ? 5  DC  A C2    1 
ATOM   93  O O2    . DC  A 1 5 ? 3.606   0.797  -1.872 1.00 10.61 ? 5  DC  A O2    1 
ATOM   94  N N3    . DC  A 1 5 ? 3.020   1.864  -0.049 1.00 11.36 ? 5  DC  A N3    1 
ATOM   95  C C4    . DC  A 1 5 ? 3.186   2.119  1.237  1.00 12.57 ? 5  DC  A C4    1 
ATOM   96  N N4    . DC  A 1 5 ? 2.378   2.999  1.821  1.00 11.51 ? 5  DC  A N4    1 
ATOM   97  C C5    . DC  A 1 5 ? 4.200   1.470  1.990  1.00 13.44 ? 5  DC  A C5    1 
ATOM   98  C C6    . DC  A 1 5 ? 5.001   0.618  1.322  1.00 10.55 ? 5  DC  A C6    1 
ATOM   99  P P     . DG  A 1 6 ? 9.529   -2.197 -2.460 1.00 22.85 ? 6  DG  A P     1 
ATOM   100 O OP1   . DG  A 1 6 ? 9.349   -3.628 -2.845 1.00 18.10 ? 6  DG  A OP1   1 
ATOM   101 O OP2   . DG  A 1 6 ? 10.558  -1.819 -1.449 1.00 14.77 ? 6  DG  A OP2   1 
ATOM   102 O "O5'" . DG  A 1 6 ? 9.796   -1.337 -3.798 1.00 16.04 ? 6  DG  A "O5'" 1 
ATOM   103 C "C5'" . DG  A 1 6 ? 8.951   -1.521 -4.930 1.00 15.69 ? 6  DG  A "C5'" 1 
ATOM   104 C "C4'" . DG  A 1 6 ? 9.243   -0.574 -6.087 1.00 13.83 ? 6  DG  A "C4'" 1 
ATOM   105 O "O4'" . DG  A 1 6 ? 8.863   0.804  -5.861 1.00 14.10 ? 6  DG  A "O4'" 1 
ATOM   106 C "C3'" . DG  A 1 6 ? 10.726  -0.551 -6.387 1.00 11.99 ? 6  DG  A "C3'" 1 
ATOM   107 O "O3'" . DG  A 1 6 ? 10.893  -0.360 -7.780 1.00 17.17 ? 6  DG  A "O3'" 1 
ATOM   108 C "C2'" . DG  A 1 6 ? 11.187  0.677  -5.650 1.00 9.11  ? 6  DG  A "C2'" 1 
ATOM   109 C "C1'" . DG  A 1 6 ? 10.016  1.656  -5.753 1.00 7.05  ? 6  DG  A "C1'" 1 
ATOM   110 N N9    . DG  A 1 6 ? 9.840   2.431  -4.516 1.00 5.84  ? 6  DG  A N9    1 
ATOM   111 C C8    . DG  A 1 6 ? 10.256  2.130  -3.246 1.00 7.02  ? 6  DG  A C8    1 
ATOM   112 N N7    . DG  A 1 6 ? 9.913   2.990  -2.337 1.00 2.10  ? 6  DG  A N7    1 
ATOM   113 C C5    . DG  A 1 6 ? 9.176   3.905  -3.059 1.00 4.72  ? 6  DG  A C5    1 
ATOM   114 C C6    . DG  A 1 6 ? 8.530   5.075  -2.617 1.00 9.98  ? 6  DG  A C6    1 
ATOM   115 O O6    . DG  A 1 6 ? 8.481   5.528  -1.485 1.00 3.59  ? 6  DG  A O6    1 
ATOM   116 N N1    . DG  A 1 6 ? 7.884   5.732  -3.638 1.00 8.40  ? 6  DG  A N1    1 
ATOM   117 C C2    . DG  A 1 6 ? 7.871   5.306  -4.929 1.00 9.84  ? 6  DG  A C2    1 
ATOM   118 N N2    . DG  A 1 6 ? 7.214   6.057  -5.780 1.00 13.81 ? 6  DG  A N2    1 
ATOM   119 N N3    . DG  A 1 6 ? 8.485   4.224  -5.375 1.00 11.20 ? 6  DG  A N3    1 
ATOM   120 C C4    . DG  A 1 6 ? 9.118   3.569  -4.380 1.00 3.52  ? 6  DG  A C4    1 
HETATM 121 C C1    . BDA B 2 . ? 4.609   5.994  1.529  1.00 12.71 ? 7  BDA A C1    1 
HETATM 122 C C2    . BDA B 2 . ? 5.177   5.723  2.730  1.00 15.25 ? 7  BDA A C2    1 
HETATM 123 C C3    . BDA B 2 . ? 6.085   4.723  2.854  1.00 17.32 ? 7  BDA A C3    1 
HETATM 124 C C4    . BDA B 2 . ? 6.455   3.928  1.677  1.00 20.92 ? 7  BDA A C4    1 
HETATM 125 O O4    . BDA B 2 . ? 7.370   2.810  1.697  1.00 21.47 ? 7  BDA A O4    1 
HETATM 126 C C5    . BDA B 2 . ? 5.833   4.215  0.401  1.00 12.54 ? 7  BDA A C5    1 
HETATM 127 C C6    . BDA B 2 . ? 6.138   3.444  -0.776 1.00 11.38 ? 7  BDA A C6    1 
HETATM 128 O O6    . BDA B 2 . ? 6.933   2.527  -0.718 1.00 12.12 ? 7  BDA A O6    1 
HETATM 129 C C7    . BDA B 2 . ? 5.460   3.805  -1.989 1.00 9.33  ? 7  BDA A C7    1 
HETATM 130 C C8    . BDA B 2 . ? 5.732   3.065  -3.184 1.00 8.26  ? 7  BDA A C8    1 
HETATM 131 O O8    . BDA B 2 . ? 6.634   2.048  -3.179 1.00 11.07 ? 7  BDA A O8    1 
HETATM 132 C C9    . BDA B 2 . ? 5.118   3.436  -4.410 1.00 7.22  ? 7  BDA A C9    1 
HETATM 133 C C10   . BDA B 2 . ? 5.391   2.585  -5.595 1.00 7.42  ? 7  BDA A C10   1 
HETATM 134 O O10   . BDA B 2 . ? 4.715   1.334  -5.337 1.00 14.24 ? 7  BDA A O10   1 
HETATM 135 C C11   . BDA B 2 . ? 4.876   3.194  -6.927 1.00 2.78  ? 7  BDA A C11   1 
HETATM 136 C C12   . BDA B 2 . ? 3.474   3.755  -6.743 1.00 5.10  ? 7  BDA A C12   1 
HETATM 137 O O12   . BDA B 2 . ? 2.570   2.722  -6.314 1.00 12.28 ? 7  BDA A O12   1 
HETATM 138 C C13   . BDA B 2 . ? 3.004   4.351  -8.064 1.00 12.64 ? 7  BDA A C13   1 
HETATM 139 O O13   . BDA B 2 . ? 3.347   5.482  -8.426 1.00 23.18 ? 7  BDA A O13   1 
HETATM 140 C C14   . BDA B 2 . ? 2.135   3.493  -8.972 1.00 11.57 ? 7  BDA A C14   1 
HETATM 141 C C15   . BDA B 2 . ? 3.538   4.880  -5.728 1.00 2.80  ? 7  BDA A C15   1 
HETATM 142 C C16   . BDA B 2 . ? 4.214   4.488  -4.437 1.00 8.24  ? 7  BDA A C16   1 
HETATM 143 C C17   . BDA B 2 . ? 3.933   5.220  -3.239 1.00 9.04  ? 7  BDA A C17   1 
HETATM 144 O O17   . BDA B 2 . ? 3.068   6.267  -3.218 1.00 16.01 ? 7  BDA A O17   1 
HETATM 145 C C18   . BDA B 2 . ? 4.568   4.862  -2.020 1.00 10.93 ? 7  BDA A C18   1 
HETATM 146 C C19   . BDA B 2 . ? 4.260   5.630  -0.849 1.00 13.27 ? 7  BDA A C19   1 
HETATM 147 O O19   . BDA B 2 . ? 3.472   6.575  -0.834 1.00 15.89 ? 7  BDA A O19   1 
HETATM 148 C C20   . BDA B 2 . ? 4.919   5.260  0.360  1.00 13.16 ? 7  BDA A C20   1 
HETATM 149 C C21   . BDA B 2 . ? 8.051   2.388  2.823  1.00 28.12 ? 7  BDA A C21   1 
HETATM 150 C "C1'" . BDA B 2 . ? 5.517   0.143  -5.394 1.00 12.83 ? 7  BDA A "C1'" 1 
HETATM 151 C "C2'" . BDA B 2 . ? 4.815   -1.040 -4.709 1.00 15.30 ? 7  BDA A "C2'" 1 
HETATM 152 C "C3'" . BDA B 2 . ? 3.548   -1.474 -5.464 1.00 17.84 ? 7  BDA A "C3'" 1 
HETATM 153 N "N3'" . BDA B 2 . ? 3.057   -2.605 -4.679 1.00 22.41 ? 7  BDA A "N3'" 1 
HETATM 154 C "C4'" . BDA B 2 . ? 3.892   -1.810 -6.949 1.00 17.28 ? 7  BDA A "C4'" 1 
HETATM 155 O "O4'" . BDA B 2 . ? 4.702   -3.011 -7.148 1.00 18.11 ? 7  BDA A "O4'" 1 
HETATM 156 C "C5'" . BDA B 2 . ? 4.621   -0.583 -7.539 1.00 15.91 ? 7  BDA A "C5'" 1 
HETATM 157 O "O5'" . BDA B 2 . ? 5.796   -0.170 -6.771 1.00 13.96 ? 7  BDA A "O5'" 1 
HETATM 158 C "C6'" . BDA B 2 . ? 5.038   -0.908 -8.965 1.00 16.41 ? 7  BDA A "C6'" 1 
HETATM 159 C "C7'" . BDA B 2 . ? 1.781   -3.084 -5.175 1.00 30.90 ? 7  BDA A "C7'" 1 
HETATM 160 C "C8'" . BDA B 2 . ? 1.060   -3.881 -4.101 1.00 37.32 ? 7  BDA A "C8'" 1 
HETATM 161 C C9A   . BDA B 2 . ? 0.060   -3.222 -3.289 0.50 38.09 ? 7  BDA A C9A   1 
HETATM 162 C C9B   . BDA B 2 . ? 1.337   -5.294 -3.857 0.50 43.55 ? 7  BDA A C9B   1 
HETATM 163 O O     . HOH C 3 . ? -9.635  2.574  -1.447 1.00 39.71 ? 8  HOH A O     1 
HETATM 164 O O     . HOH C 3 . ? 2.826   3.098  5.192  1.00 35.71 ? 9  HOH A O     1 
HETATM 165 O O     . HOH C 3 . ? -5.657  3.720  2.901  1.00 42.27 ? 10 HOH A O     1 
HETATM 166 O O     . HOH C 3 . ? 4.572   -5.020 -5.017 1.00 59.78 ? 11 HOH A O     1 
HETATM 167 O O     . HOH C 3 . ? -14.913 -4.632 -5.492 1.00 53.75 ? 12 HOH A O     1 
HETATM 168 O O     . HOH C 3 . ? 0.602   1.222  7.496  1.00 40.31 ? 13 HOH A O     1 
HETATM 169 O O     . HOH C 3 . ? -4.793  0.747  13.226 1.00 36.98 ? 14 HOH A O     1 
HETATM 170 O O     . HOH C 3 . ? -3.200  4.816  1.572  1.00 46.13 ? 15 HOH A O     1 
# 
